data_2O27
#
_entry.id   2O27
#
_cell.length_a   43.270
_cell.length_b   43.270
_cell.length_c   248.433
_cell.angle_alpha   90.00
_cell.angle_beta   90.00
_cell.angle_gamma   120.00
#
_symmetry.space_group_name_H-M   'P 65'
#
loop_
_entity.id
_entity.type
_entity.pdbx_description
1 polymer 'Kit ligand'
2 water water
#
_entity_poly.entity_id   1
_entity_poly.type   'polypeptide(L)'
_entity_poly.pdbx_seq_one_letter_code
;ICGNPVTDNVKDITKLVANLPNDYMITLNYVAGMDVLPSHCWLRDMVIQLSLSLTTLLDKFSNISEGLSNYSIIDKLGKI
VDDLVLCMEENAPKNIKESPKRPETRSFTPEEFFSIFNRSIDAFKDFMVASDTSDCVLSHHHHHH
;
_entity_poly.pdbx_strand_id   A,B
#
# COMPACT_ATOMS: atom_id res chain seq x y z
N CYS A 2 15.59 -24.91 -18.29
CA CYS A 2 14.80 -23.65 -18.36
C CYS A 2 15.45 -22.50 -17.60
N GLY A 3 15.59 -21.38 -18.29
CA GLY A 3 16.17 -20.20 -17.68
C GLY A 3 15.22 -19.05 -17.93
N ASN A 4 15.76 -17.91 -18.34
CA ASN A 4 14.95 -16.73 -18.64
C ASN A 4 15.79 -15.66 -19.32
N ASN A 9 14.62 -8.96 -16.98
CA ASN A 9 13.20 -8.72 -17.17
C ASN A 9 12.53 -8.63 -15.81
N VAL A 10 12.18 -7.42 -15.39
CA VAL A 10 11.56 -7.24 -14.09
C VAL A 10 10.49 -6.15 -14.01
N LYS A 11 10.35 -5.36 -15.06
CA LYS A 11 9.38 -4.26 -15.08
C LYS A 11 9.54 -3.33 -13.87
N ASP A 12 10.77 -3.30 -13.33
CA ASP A 12 11.15 -2.46 -12.21
C ASP A 12 10.42 -2.57 -10.89
N ILE A 13 11.05 -3.36 -10.04
CA ILE A 13 10.62 -3.59 -8.69
C ILE A 13 10.87 -2.33 -7.84
N THR A 14 11.86 -1.55 -8.22
CA THR A 14 12.23 -0.33 -7.51
C THR A 14 11.09 0.67 -7.51
N LYS A 15 10.49 0.87 -8.68
CA LYS A 15 9.37 1.79 -8.81
C LYS A 15 8.20 1.26 -7.97
N LEU A 16 8.00 -0.06 -8.02
CA LEU A 16 6.93 -0.72 -7.27
C LEU A 16 7.10 -0.46 -5.77
N VAL A 17 8.30 -0.76 -5.28
CA VAL A 17 8.57 -0.58 -3.86
C VAL A 17 8.37 0.87 -3.48
N ALA A 18 8.71 1.77 -4.40
CA ALA A 18 8.59 3.22 -4.19
C ALA A 18 7.14 3.69 -4.20
N ASN A 19 6.27 2.89 -4.84
CA ASN A 19 4.87 3.20 -4.96
C ASN A 19 3.98 2.36 -4.04
N LEU A 20 4.60 1.60 -3.14
CA LEU A 20 3.91 0.78 -2.15
C LEU A 20 4.18 1.44 -0.81
N PRO A 21 3.22 1.37 0.14
CA PRO A 21 3.50 2.02 1.43
C PRO A 21 4.62 1.32 2.21
N ASN A 22 5.53 2.08 2.80
CA ASN A 22 6.66 1.53 3.60
C ASN A 22 6.21 0.63 4.77
N ASP A 23 5.00 0.85 5.29
CA ASP A 23 4.50 0.05 6.41
C ASP A 23 3.46 -1.00 6.02
N TYR A 24 3.22 -1.16 4.72
CA TYR A 24 2.27 -2.18 4.28
C TYR A 24 2.94 -3.54 4.50
N MET A 25 2.26 -4.45 5.20
CA MET A 25 2.80 -5.78 5.47
C MET A 25 2.39 -6.83 4.42
N ILE A 26 3.37 -7.43 3.77
CA ILE A 26 3.06 -8.42 2.77
C ILE A 26 3.33 -9.79 3.36
N THR A 27 2.27 -10.59 3.43
CA THR A 27 2.33 -11.93 3.98
C THR A 27 2.98 -12.96 3.06
N LEU A 28 3.94 -13.70 3.60
CA LEU A 28 4.66 -14.74 2.87
C LEU A 28 4.96 -15.94 3.80
N ASN A 29 4.66 -17.14 3.33
CA ASN A 29 4.94 -18.35 4.08
C ASN A 29 6.40 -18.59 3.71
N TYR A 30 7.26 -18.12 4.59
CA TYR A 30 8.70 -18.15 4.41
C TYR A 30 9.24 -19.55 4.64
N VAL A 31 10.08 -20.01 3.72
CA VAL A 31 10.68 -21.34 3.81
C VAL A 31 12.02 -21.21 4.56
N ALA A 32 12.02 -21.64 5.82
CA ALA A 32 13.20 -21.57 6.68
C ALA A 32 14.49 -22.13 6.09
N GLY A 33 15.59 -21.43 6.31
CA GLY A 33 16.87 -21.91 5.82
C GLY A 33 17.20 -21.37 4.45
N MET A 34 16.26 -20.60 3.90
CA MET A 34 16.49 -20.03 2.59
C MET A 34 17.72 -19.15 2.60
N ASP A 35 18.06 -18.61 3.76
CA ASP A 35 19.23 -17.74 3.84
C ASP A 35 20.56 -18.46 4.07
N VAL A 36 20.51 -19.74 4.42
CA VAL A 36 21.75 -20.51 4.65
C VAL A 36 21.84 -21.81 3.85
N LEU A 37 20.72 -22.50 3.71
CA LEU A 37 20.68 -23.77 3.01
C LEU A 37 21.00 -23.70 1.53
N PRO A 38 21.53 -24.79 0.99
CA PRO A 38 21.83 -24.73 -0.44
C PRO A 38 20.51 -24.64 -1.23
N SER A 39 20.51 -23.77 -2.23
CA SER A 39 19.38 -23.49 -3.10
C SER A 39 18.43 -24.64 -3.47
N HIS A 40 18.97 -25.77 -3.91
CA HIS A 40 18.13 -26.90 -4.31
C HIS A 40 17.24 -27.37 -3.16
N CYS A 41 17.54 -26.93 -1.95
CA CYS A 41 16.76 -27.33 -0.78
C CYS A 41 15.50 -26.47 -0.60
N TRP A 42 15.52 -25.24 -1.09
CA TRP A 42 14.38 -24.37 -0.87
C TRP A 42 13.77 -23.64 -2.06
N LEU A 43 14.48 -23.53 -3.18
CA LEU A 43 13.97 -22.80 -4.32
C LEU A 43 12.56 -23.12 -4.80
N ARG A 44 12.29 -24.39 -5.07
CA ARG A 44 11.00 -24.81 -5.55
C ARG A 44 9.87 -24.37 -4.63
N ASP A 45 10.02 -24.63 -3.35
CA ASP A 45 9.01 -24.24 -2.39
C ASP A 45 8.88 -22.72 -2.34
N MET A 46 10.01 -22.02 -2.31
CA MET A 46 9.97 -20.56 -2.23
C MET A 46 9.32 -19.89 -3.43
N VAL A 47 9.57 -20.47 -4.61
CA VAL A 47 9.00 -19.93 -5.82
C VAL A 47 7.47 -20.15 -5.74
N ILE A 48 7.06 -21.27 -5.18
CA ILE A 48 5.64 -21.54 -5.04
C ILE A 48 5.03 -20.53 -4.05
N GLN A 49 5.73 -20.26 -2.95
CA GLN A 49 5.25 -19.31 -1.94
C GLN A 49 5.18 -17.87 -2.48
N LEU A 50 6.15 -17.48 -3.29
CA LEU A 50 6.15 -16.13 -3.83
C LEU A 50 4.93 -16.00 -4.73
N SER A 51 4.67 -17.03 -5.52
CA SER A 51 3.55 -17.07 -6.45
C SER A 51 2.25 -16.82 -5.66
N LEU A 52 2.05 -17.55 -4.56
CA LEU A 52 0.87 -17.35 -3.73
C LEU A 52 0.79 -15.91 -3.21
N SER A 53 1.89 -15.40 -2.62
CA SER A 53 1.89 -14.02 -2.11
C SER A 53 1.58 -12.99 -3.21
N LEU A 54 2.13 -13.18 -4.40
CA LEU A 54 1.88 -12.24 -5.48
C LEU A 54 0.40 -12.30 -5.87
N THR A 55 -0.17 -13.49 -5.92
CA THR A 55 -1.58 -13.63 -6.24
C THR A 55 -2.41 -12.78 -5.26
N THR A 56 -2.16 -12.98 -3.98
CA THR A 56 -2.86 -12.25 -2.93
C THR A 56 -2.62 -10.73 -3.05
N LEU A 57 -1.36 -10.34 -3.31
CA LEU A 57 -1.01 -8.92 -3.45
C LEU A 57 -1.75 -8.26 -4.61
N LEU A 58 -1.73 -8.91 -5.78
CA LEU A 58 -2.38 -8.39 -6.98
C LEU A 58 -3.86 -8.03 -6.78
N ASP A 59 -4.57 -8.91 -6.09
CA ASP A 59 -5.99 -8.71 -5.83
C ASP A 59 -6.25 -7.47 -4.96
N LYS A 60 -5.18 -6.80 -4.53
CA LYS A 60 -5.37 -5.63 -3.71
C LYS A 60 -5.35 -4.33 -4.52
N PHE A 61 -5.10 -4.43 -5.81
CA PHE A 61 -5.03 -3.25 -6.64
C PHE A 61 -5.98 -3.31 -7.82
N SER A 62 -6.24 -2.14 -8.42
CA SER A 62 -7.10 -2.06 -9.60
C SER A 62 -6.16 -1.93 -10.78
N ASN A 63 -6.59 -2.42 -11.93
CA ASN A 63 -5.74 -2.36 -13.08
C ASN A 63 -5.76 -0.98 -13.75
N ILE A 64 -4.81 -0.14 -13.37
CA ILE A 64 -4.67 1.18 -13.95
C ILE A 64 -3.97 0.95 -15.28
N SER A 65 -4.56 1.43 -16.37
CA SER A 65 -4.00 1.22 -17.71
C SER A 65 -2.78 2.05 -18.07
N GLU A 66 -2.78 3.33 -17.73
CA GLU A 66 -1.65 4.18 -18.07
C GLU A 66 -0.89 4.71 -16.86
N GLY A 67 0.44 4.66 -16.96
CA GLY A 67 1.28 5.16 -15.90
C GLY A 67 2.07 4.13 -15.09
N LEU A 68 2.32 2.96 -15.67
CA LEU A 68 3.07 1.93 -14.96
C LEU A 68 2.46 1.79 -13.57
N SER A 69 1.33 1.11 -13.50
CA SER A 69 0.64 0.91 -12.25
C SER A 69 1.19 -0.25 -11.46
N ASN A 70 0.87 -0.29 -10.18
CA ASN A 70 1.30 -1.38 -9.32
C ASN A 70 0.69 -2.67 -9.85
N TYR A 71 -0.57 -2.60 -10.28
CA TYR A 71 -1.25 -3.79 -10.78
C TYR A 71 -0.44 -4.42 -11.92
N SER A 72 -0.06 -3.61 -12.91
CA SER A 72 0.70 -4.11 -14.06
C SER A 72 2.05 -4.73 -13.72
N ILE A 73 2.85 -4.03 -12.91
CA ILE A 73 4.16 -4.52 -12.51
C ILE A 73 4.03 -5.86 -11.74
N ILE A 74 3.14 -5.88 -10.75
CA ILE A 74 2.93 -7.09 -9.97
C ILE A 74 2.46 -8.23 -10.86
N ASP A 75 1.53 -7.93 -11.77
CA ASP A 75 1.00 -8.95 -12.66
C ASP A 75 2.14 -9.53 -13.52
N LYS A 76 3.03 -8.66 -13.97
CA LYS A 76 4.18 -9.07 -14.78
C LYS A 76 5.09 -9.97 -13.95
N LEU A 77 5.33 -9.57 -12.69
CA LEU A 77 6.18 -10.35 -11.79
C LEU A 77 5.55 -11.71 -11.50
N GLY A 78 4.22 -11.76 -11.46
CA GLY A 78 3.53 -13.02 -11.19
C GLY A 78 3.67 -13.99 -12.35
N LYS A 79 3.68 -13.47 -13.57
CA LYS A 79 3.82 -14.33 -14.74
C LYS A 79 5.25 -14.90 -14.81
N ILE A 80 6.24 -14.08 -14.45
CA ILE A 80 7.64 -14.51 -14.45
C ILE A 80 7.76 -15.68 -13.49
N VAL A 81 7.10 -15.55 -12.35
CA VAL A 81 7.12 -16.60 -11.34
C VAL A 81 6.35 -17.82 -11.81
N ASP A 82 5.28 -17.61 -12.59
CA ASP A 82 4.55 -18.78 -13.09
C ASP A 82 5.50 -19.59 -13.95
N ASP A 83 6.29 -18.90 -14.77
CA ASP A 83 7.26 -19.63 -15.58
C ASP A 83 8.27 -20.30 -14.67
N LEU A 84 8.67 -19.64 -13.59
CA LEU A 84 9.64 -20.25 -12.67
C LEU A 84 9.05 -21.45 -11.95
N VAL A 85 7.77 -21.39 -11.60
CA VAL A 85 7.12 -22.51 -10.91
C VAL A 85 7.05 -23.69 -11.87
N LEU A 86 6.66 -23.43 -13.10
CA LEU A 86 6.56 -24.46 -14.13
C LEU A 86 7.91 -25.20 -14.22
N CYS A 87 8.97 -24.42 -14.39
CA CYS A 87 10.33 -24.95 -14.49
C CYS A 87 10.68 -25.83 -13.27
N MET A 88 10.53 -25.29 -12.06
CA MET A 88 10.87 -26.08 -10.87
C MET A 88 9.98 -27.29 -10.66
N GLU A 89 8.70 -27.20 -10.98
CA GLU A 89 7.80 -28.32 -10.77
C GLU A 89 8.09 -29.44 -11.79
N GLU A 90 8.35 -29.04 -13.02
CA GLU A 90 8.65 -29.98 -14.09
C GLU A 90 9.94 -30.76 -13.81
N ASN A 91 10.79 -30.21 -12.93
CA ASN A 91 12.06 -30.85 -12.60
C ASN A 91 12.26 -31.15 -11.12
N ALA A 92 11.21 -30.94 -10.32
CA ALA A 92 11.31 -31.17 -8.88
C ALA A 92 11.62 -32.61 -8.53
N PRO A 93 12.33 -32.83 -7.41
CA PRO A 93 12.69 -34.19 -6.97
C PRO A 93 11.41 -34.92 -6.59
N LYS A 94 11.50 -36.23 -6.36
CA LYS A 94 10.32 -36.99 -5.99
C LYS A 94 9.83 -36.57 -4.61
N ASN A 95 8.51 -36.42 -4.49
CA ASN A 95 7.89 -36.00 -3.23
C ASN A 95 8.65 -34.80 -2.70
N ILE A 96 8.97 -33.88 -3.61
CA ILE A 96 9.69 -32.67 -3.27
C ILE A 96 11.05 -33.00 -2.66
N SER A 99 9.75 -33.95 3.77
CA SER A 99 8.83 -32.96 4.30
C SER A 99 9.33 -32.38 5.62
N PRO A 100 10.49 -31.71 5.60
CA PRO A 100 11.06 -31.11 6.80
C PRO A 100 10.00 -30.49 7.71
N LYS A 101 9.43 -29.39 7.26
CA LYS A 101 8.39 -28.70 8.03
C LYS A 101 7.77 -27.61 7.18
N ARG A 102 6.52 -27.26 7.48
CA ARG A 102 5.81 -26.23 6.74
C ARG A 102 6.51 -24.88 6.83
N PRO A 103 6.21 -23.96 5.91
CA PRO A 103 6.83 -22.63 5.90
C PRO A 103 6.30 -21.75 7.04
N GLU A 104 7.11 -20.79 7.46
CA GLU A 104 6.73 -19.88 8.53
C GLU A 104 5.98 -18.65 8.01
N THR A 105 4.68 -18.61 8.27
CA THR A 105 3.85 -17.49 7.84
C THR A 105 4.30 -16.21 8.54
N ARG A 106 4.90 -15.29 7.78
CA ARG A 106 5.37 -14.04 8.31
C ARG A 106 4.90 -12.86 7.47
N SER A 107 5.14 -11.64 7.96
CA SER A 107 4.75 -10.48 7.21
C SER A 107 6.00 -9.70 6.98
N PHE A 108 6.14 -9.16 5.77
CA PHE A 108 7.31 -8.41 5.41
C PHE A 108 6.94 -7.10 4.78
N THR A 109 7.85 -6.16 4.91
CA THR A 109 7.69 -4.85 4.31
C THR A 109 7.92 -5.08 2.82
N PRO A 110 7.47 -4.13 1.97
CA PRO A 110 7.69 -4.34 0.54
C PRO A 110 9.17 -4.48 0.15
N GLU A 111 10.03 -3.69 0.78
CA GLU A 111 11.46 -3.76 0.48
C GLU A 111 11.96 -5.15 0.81
N GLU A 112 11.56 -5.65 1.96
CA GLU A 112 11.97 -6.97 2.41
C GLU A 112 11.39 -8.09 1.57
N PHE A 113 10.14 -7.92 1.17
CA PHE A 113 9.47 -8.94 0.40
C PHE A 113 10.18 -9.11 -0.93
N PHE A 114 10.39 -7.99 -1.60
CA PHE A 114 11.00 -8.00 -2.90
C PHE A 114 12.50 -8.27 -2.89
N SER A 115 13.08 -8.25 -1.68
CA SER A 115 14.49 -8.57 -1.49
C SER A 115 14.56 -10.10 -1.54
N ILE A 116 13.58 -10.75 -0.92
CA ILE A 116 13.47 -12.21 -0.89
C ILE A 116 13.22 -12.70 -2.30
N PHE A 117 12.41 -11.93 -3.03
CA PHE A 117 12.04 -12.24 -4.41
C PHE A 117 13.28 -12.18 -5.30
N ASN A 118 14.03 -11.08 -5.20
CA ASN A 118 15.25 -10.91 -5.98
C ASN A 118 16.27 -11.98 -5.66
N ARG A 119 16.38 -12.32 -4.38
CA ARG A 119 17.32 -13.36 -4.00
C ARG A 119 16.89 -14.73 -4.52
N SER A 120 15.58 -14.98 -4.59
CA SER A 120 15.10 -16.27 -5.10
C SER A 120 15.40 -16.32 -6.60
N ILE A 121 15.12 -15.22 -7.28
CA ILE A 121 15.36 -15.14 -8.70
C ILE A 121 16.83 -15.40 -9.00
N ASP A 122 17.71 -14.76 -8.24
CA ASP A 122 19.14 -14.93 -8.44
C ASP A 122 19.54 -16.38 -8.24
N ALA A 123 19.00 -16.99 -7.19
CA ALA A 123 19.30 -18.38 -6.90
C ALA A 123 18.91 -19.24 -8.08
N PHE A 124 17.79 -18.90 -8.70
CA PHE A 124 17.30 -19.63 -9.86
C PHE A 124 18.31 -19.46 -10.97
N LYS A 125 18.91 -18.28 -11.05
CA LYS A 125 19.90 -17.99 -12.08
C LYS A 125 21.23 -18.71 -11.90
N ASP A 126 21.32 -19.59 -10.91
CA ASP A 126 22.57 -20.31 -10.67
C ASP A 126 22.29 -21.69 -10.11
N PHE A 127 21.09 -22.18 -10.39
CA PHE A 127 20.66 -23.49 -9.92
C PHE A 127 21.47 -24.58 -10.62
N SER A 134 26.21 -32.13 -0.20
CA SER A 134 25.57 -31.36 0.85
C SER A 134 24.06 -31.54 0.83
N ASP A 135 23.49 -32.04 1.93
CA ASP A 135 22.06 -32.26 2.02
C ASP A 135 21.40 -31.29 3.01
N CYS A 136 20.11 -31.05 2.81
CA CYS A 136 19.32 -30.11 3.59
C CYS A 136 19.11 -30.42 5.05
N VAL A 137 20.02 -29.93 5.89
CA VAL A 137 19.91 -30.13 7.33
C VAL A 137 19.87 -28.79 8.04
N LEU A 138 18.99 -28.70 9.04
CA LEU A 138 18.87 -27.48 9.83
C LEU A 138 18.69 -27.88 11.28
N SER A 139 19.19 -27.05 12.19
CA SER A 139 19.09 -27.32 13.62
C SER A 139 19.58 -28.72 13.94
N THR B 7 -7.22 24.01 -7.92
CA THR B 7 -8.59 24.28 -8.45
C THR B 7 -9.53 23.21 -7.92
N ASP B 8 -9.19 22.67 -6.75
CA ASP B 8 -10.00 21.61 -6.15
C ASP B 8 -10.04 20.49 -7.18
N ASN B 9 -9.00 19.66 -7.17
CA ASN B 9 -8.91 18.59 -8.15
C ASN B 9 -8.88 17.14 -7.70
N VAL B 10 -9.85 16.39 -8.18
CA VAL B 10 -9.95 14.97 -7.95
C VAL B 10 -9.39 14.50 -9.28
N LYS B 11 -10.03 13.55 -9.95
CA LYS B 11 -9.54 13.12 -11.25
C LYS B 11 -8.12 12.55 -11.13
N ASP B 12 -7.63 12.46 -9.89
CA ASP B 12 -6.30 11.95 -9.57
C ASP B 12 -6.44 11.08 -8.31
N ILE B 13 -7.54 11.29 -7.59
CA ILE B 13 -7.79 10.53 -6.38
C ILE B 13 -8.15 9.07 -6.71
N THR B 14 -8.91 8.87 -7.78
CA THR B 14 -9.34 7.55 -8.23
C THR B 14 -8.14 6.68 -8.58
N LYS B 15 -7.17 7.27 -9.26
CA LYS B 15 -5.96 6.54 -9.64
C LYS B 15 -5.14 6.20 -8.40
N LEU B 16 -5.11 7.11 -7.42
CA LEU B 16 -4.38 6.89 -6.18
C LEU B 16 -5.01 5.71 -5.46
N VAL B 17 -6.33 5.72 -5.34
CA VAL B 17 -7.01 4.64 -4.66
C VAL B 17 -6.73 3.31 -5.38
N ALA B 18 -6.72 3.36 -6.71
CA ALA B 18 -6.48 2.15 -7.51
C ALA B 18 -5.03 1.69 -7.42
N ASN B 19 -4.15 2.56 -6.93
CA ASN B 19 -2.75 2.25 -6.80
C ASN B 19 -2.29 2.08 -5.35
N LEU B 20 -3.23 2.09 -4.41
CA LEU B 20 -2.97 1.89 -3.00
C LEU B 20 -3.56 0.52 -2.67
N PRO B 21 -2.94 -0.26 -1.76
CA PRO B 21 -3.54 -1.58 -1.47
C PRO B 21 -4.93 -1.38 -0.85
N ASN B 22 -5.95 -2.15 -1.27
CA ASN B 22 -7.27 -1.94 -0.65
C ASN B 22 -7.43 -2.44 0.81
N ASP B 23 -6.40 -3.05 1.37
CA ASP B 23 -6.45 -3.52 2.76
C ASP B 23 -5.46 -2.73 3.63
N TYR B 24 -4.85 -1.71 3.04
CA TYR B 24 -3.92 -0.85 3.76
C TYR B 24 -4.76 0.09 4.62
N MET B 25 -4.49 0.14 5.92
CA MET B 25 -5.26 0.98 6.82
C MET B 25 -4.64 2.37 7.02
N ILE B 26 -5.39 3.39 6.63
CA ILE B 26 -4.92 4.74 6.78
C ILE B 26 -5.57 5.29 8.05
N THR B 27 -4.71 5.71 8.96
CA THR B 27 -5.15 6.24 10.25
C THR B 27 -5.63 7.68 10.17
N LEU B 28 -6.79 7.95 10.76
CA LEU B 28 -7.40 9.28 10.79
C LEU B 28 -8.13 9.52 12.12
N ASN B 29 -7.96 10.71 12.69
CA ASN B 29 -8.63 11.06 13.93
C ASN B 29 -9.93 11.68 13.41
N TYR B 30 -10.93 10.81 13.27
CA TYR B 30 -12.24 11.16 12.75
C TYR B 30 -12.97 12.06 13.72
N VAL B 31 -13.49 13.19 13.22
CA VAL B 31 -14.22 14.10 14.10
C VAL B 31 -15.66 13.61 14.15
N ALA B 32 -16.10 13.16 15.32
CA ALA B 32 -17.45 12.62 15.52
C ALA B 32 -18.60 13.50 15.06
N GLY B 33 -19.51 12.93 14.26
CA GLY B 33 -20.66 13.69 13.82
C GLY B 33 -20.49 14.42 12.51
N MET B 34 -19.37 14.18 11.84
CA MET B 34 -19.12 14.83 10.57
C MET B 34 -20.19 14.38 9.57
N ASP B 35 -20.79 13.23 9.84
CA ASP B 35 -21.80 12.72 8.94
C ASP B 35 -23.21 13.25 9.21
N VAL B 36 -23.41 13.91 10.36
CA VAL B 36 -24.73 14.43 10.68
C VAL B 36 -24.80 15.93 10.94
N LEU B 37 -23.89 16.45 11.76
CA LEU B 37 -23.90 17.86 12.11
C LEU B 37 -23.61 18.80 10.95
N PRO B 38 -24.07 20.06 11.06
CA PRO B 38 -23.79 21.02 9.99
C PRO B 38 -22.27 21.23 9.94
N SER B 39 -21.74 21.45 8.73
CA SER B 39 -20.30 21.60 8.53
C SER B 39 -19.52 22.60 9.38
N HIS B 40 -20.10 23.75 9.73
CA HIS B 40 -19.34 24.72 10.53
C HIS B 40 -18.95 24.12 11.88
N CYS B 41 -19.60 23.01 12.23
CA CYS B 41 -19.33 22.32 13.48
C CYS B 41 -18.09 21.45 13.40
N TRP B 42 -17.72 21.00 12.19
CA TRP B 42 -16.60 20.10 12.08
C TRP B 42 -15.59 20.29 10.94
N LEU B 43 -15.92 21.14 9.97
CA LEU B 43 -15.03 21.32 8.82
C LEU B 43 -13.59 21.66 9.18
N ARG B 44 -13.42 22.65 10.04
CA ARG B 44 -12.12 23.13 10.52
C ARG B 44 -11.26 22.00 11.07
N ASP B 45 -11.81 21.32 12.08
CA ASP B 45 -11.13 20.21 12.71
C ASP B 45 -10.79 19.13 11.68
N MET B 46 -11.75 18.73 10.86
CA MET B 46 -11.51 17.69 9.87
C MET B 46 -10.43 18.01 8.83
N VAL B 47 -10.34 19.27 8.39
CA VAL B 47 -9.32 19.61 7.41
C VAL B 47 -7.96 19.48 8.10
N ILE B 48 -7.89 19.84 9.38
CA ILE B 48 -6.64 19.73 10.12
C ILE B 48 -6.27 18.24 10.26
N GLN B 49 -7.24 17.37 10.58
CA GLN B 49 -6.99 15.93 10.75
C GLN B 49 -6.59 15.29 9.41
N LEU B 50 -7.22 15.75 8.34
CA LEU B 50 -6.86 15.19 7.05
C LEU B 50 -5.41 15.58 6.75
N SER B 51 -5.03 16.80 7.15
CA SER B 51 -3.69 17.33 6.92
C SER B 51 -2.67 16.43 7.63
N LEU B 52 -2.96 16.09 8.89
CA LEU B 52 -2.09 15.23 9.68
C LEU B 52 -1.99 13.84 9.05
N SER B 53 -3.10 13.29 8.59
CA SER B 53 -3.06 11.97 7.98
C SER B 53 -2.32 11.98 6.66
N LEU B 54 -2.50 13.04 5.85
CA LEU B 54 -1.80 13.07 4.58
C LEU B 54 -0.30 13.19 4.85
N THR B 55 0.08 13.99 5.84
CA THR B 55 1.50 14.13 6.17
C THR B 55 2.03 12.72 6.52
N THR B 56 1.34 12.01 7.40
CA THR B 56 1.74 10.67 7.78
C THR B 56 1.77 9.72 6.57
N LEU B 57 0.76 9.82 5.71
CA LEU B 57 0.68 8.96 4.52
C LEU B 57 1.84 9.20 3.53
N LEU B 58 2.07 10.47 3.17
CA LEU B 58 3.11 10.83 2.22
C LEU B 58 4.48 10.23 2.59
N ASP B 59 4.79 10.21 3.87
CA ASP B 59 6.06 9.69 4.34
C ASP B 59 6.23 8.17 4.11
N LYS B 60 5.20 7.52 3.58
CA LYS B 60 5.30 6.07 3.36
C LYS B 60 5.73 5.72 1.94
N PHE B 61 5.89 6.73 1.09
CA PHE B 61 6.27 6.51 -0.30
C PHE B 61 7.54 7.26 -0.66
N SER B 62 8.09 6.92 -1.82
CA SER B 62 9.28 7.57 -2.35
C SER B 62 8.79 8.48 -3.44
N ASN B 63 9.56 9.51 -3.77
CA ASN B 63 9.13 10.41 -4.82
C ASN B 63 9.48 9.88 -6.19
N ILE B 64 8.57 9.14 -6.81
CA ILE B 64 8.79 8.66 -8.16
C ILE B 64 8.49 9.90 -8.99
N SER B 65 9.32 10.22 -9.97
CA SER B 65 9.07 11.43 -10.76
C SER B 65 8.41 11.22 -12.11
N GLU B 66 8.41 10.00 -12.62
CA GLU B 66 7.82 9.75 -13.93
C GLU B 66 6.79 8.63 -13.92
N GLY B 67 5.58 8.96 -14.38
CA GLY B 67 4.51 7.98 -14.42
C GLY B 67 3.53 8.12 -13.26
N LEU B 68 2.81 7.05 -12.95
CA LEU B 68 1.87 7.08 -11.84
C LEU B 68 2.66 7.18 -10.56
N SER B 69 2.55 8.32 -9.88
CA SER B 69 3.28 8.48 -8.64
C SER B 69 2.37 8.80 -7.48
N ASN B 70 2.27 7.88 -6.54
CA ASN B 70 1.45 8.10 -5.37
C ASN B 70 1.99 9.25 -4.55
N TYR B 71 3.31 9.34 -4.43
CA TYR B 71 3.93 10.42 -3.66
C TYR B 71 3.42 11.73 -4.25
N SER B 72 3.53 11.85 -5.57
CA SER B 72 3.15 13.06 -6.29
C SER B 72 1.69 13.49 -6.04
N ILE B 73 0.76 12.56 -6.19
CA ILE B 73 -0.67 12.85 -5.99
C ILE B 73 -0.97 13.24 -4.53
N ILE B 74 -0.46 12.44 -3.59
CA ILE B 74 -0.65 12.71 -2.16
C ILE B 74 -0.12 14.09 -1.82
N ASP B 75 1.07 14.41 -2.35
CA ASP B 75 1.71 15.69 -2.08
C ASP B 75 0.84 16.83 -2.59
N LYS B 76 0.29 16.66 -3.78
CA LYS B 76 -0.59 17.66 -4.37
C LYS B 76 -1.80 17.82 -3.44
N LEU B 77 -2.38 16.70 -3.02
CA LEU B 77 -3.53 16.74 -2.10
C LEU B 77 -3.18 17.44 -0.80
N GLY B 78 -1.96 17.23 -0.31
CA GLY B 78 -1.53 17.86 0.91
C GLY B 78 -1.51 19.36 0.75
N LYS B 79 -1.02 19.83 -0.39
CA LYS B 79 -0.97 21.27 -0.62
C LYS B 79 -2.38 21.90 -0.64
N ILE B 80 -3.33 21.21 -1.28
CA ILE B 80 -4.72 21.70 -1.36
C ILE B 80 -5.27 21.86 0.05
N VAL B 81 -5.02 20.86 0.88
CA VAL B 81 -5.49 20.88 2.25
C VAL B 81 -4.80 21.97 3.06
N ASP B 82 -3.52 22.25 2.78
CA ASP B 82 -2.85 23.32 3.52
C ASP B 82 -3.57 24.64 3.25
N ASP B 83 -4.00 24.85 2.00
CA ASP B 83 -4.75 26.07 1.67
C ASP B 83 -6.08 26.07 2.40
N LEU B 84 -6.68 24.90 2.54
CA LEU B 84 -7.96 24.81 3.24
C LEU B 84 -7.78 25.11 4.72
N VAL B 85 -6.72 24.57 5.33
CA VAL B 85 -6.44 24.83 6.75
C VAL B 85 -6.20 26.32 6.95
N LEU B 86 -5.45 26.95 6.05
CA LEU B 86 -5.19 28.40 6.15
C LEU B 86 -6.52 29.16 6.20
N CYS B 87 -7.35 28.96 5.18
CA CYS B 87 -8.66 29.61 5.12
C CYS B 87 -9.47 29.34 6.40
N MET B 88 -9.72 28.07 6.70
CA MET B 88 -10.50 27.73 7.89
C MET B 88 -9.93 28.29 9.18
N GLU B 89 -8.61 28.23 9.36
CA GLU B 89 -8.01 28.72 10.59
C GLU B 89 -8.10 30.23 10.74
N GLU B 90 -7.73 30.93 9.68
CA GLU B 90 -7.77 32.39 9.69
C GLU B 90 -9.19 32.91 9.52
N ASN B 91 -10.16 32.20 10.09
CA ASN B 91 -11.56 32.59 10.02
C ASN B 91 -12.41 31.90 11.09
N ALA B 92 -11.87 30.86 11.71
CA ALA B 92 -12.59 30.10 12.73
C ALA B 92 -13.03 30.94 13.93
N PRO B 93 -14.06 30.47 14.65
CA PRO B 93 -14.60 31.14 15.85
C PRO B 93 -13.70 30.93 17.05
N LYS B 94 -13.36 32.01 17.75
CA LYS B 94 -12.50 31.96 18.93
C LYS B 94 -12.50 30.64 19.68
N ASN B 95 -11.33 30.24 20.16
CA ASN B 95 -11.17 28.99 20.91
C ASN B 95 -11.86 27.85 20.18
N ILE B 96 -11.85 27.92 18.86
CA ILE B 96 -12.46 26.89 18.03
C ILE B 96 -13.95 26.78 18.33
N SER B 99 -15.27 22.50 24.07
CA SER B 99 -14.27 21.44 24.06
C SER B 99 -14.91 20.07 24.03
N PRO B 100 -15.67 19.77 22.96
CA PRO B 100 -16.35 18.47 22.82
C PRO B 100 -15.47 17.30 23.25
N LYS B 101 -14.64 16.82 22.33
CA LYS B 101 -13.75 15.71 22.63
C LYS B 101 -12.75 15.54 21.50
N ARG B 102 -11.64 14.86 21.78
CA ARG B 102 -10.60 14.65 20.79
C ARG B 102 -10.85 13.44 19.89
N PRO B 103 -11.30 13.70 18.64
CA PRO B 103 -11.63 12.77 17.57
C PRO B 103 -11.30 11.29 17.79
N GLU B 104 -12.16 10.43 17.26
CA GLU B 104 -11.98 8.98 17.37
C GLU B 104 -10.89 8.48 16.42
N THR B 105 -9.75 8.08 16.98
CA THR B 105 -8.67 7.56 16.17
C THR B 105 -9.12 6.25 15.55
N ARG B 106 -9.33 6.26 14.23
CA ARG B 106 -9.77 5.08 13.49
C ARG B 106 -8.90 4.83 12.27
N SER B 107 -9.00 3.65 11.69
CA SER B 107 -8.20 3.41 10.52
C SER B 107 -9.15 3.13 9.38
N PHE B 108 -8.84 3.68 8.22
CA PHE B 108 -9.71 3.51 7.09
C PHE B 108 -8.99 2.98 5.89
N THR B 109 -9.81 2.36 5.07
CA THR B 109 -9.42 1.80 3.81
C THR B 109 -9.14 3.04 2.92
N PRO B 110 -8.30 2.90 1.89
CA PRO B 110 -8.06 4.08 1.07
C PRO B 110 -9.33 4.66 0.44
N GLU B 111 -10.23 3.78 0.01
CA GLU B 111 -11.49 4.21 -0.59
C GLU B 111 -12.27 4.97 0.46
N GLU B 112 -12.34 4.41 1.65
CA GLU B 112 -13.07 5.06 2.72
C GLU B 112 -12.44 6.38 3.15
N PHE B 113 -11.11 6.38 3.30
CA PHE B 113 -10.40 7.57 3.72
C PHE B 113 -10.65 8.69 2.73
N PHE B 114 -10.50 8.37 1.45
CA PHE B 114 -10.67 9.37 0.44
C PHE B 114 -12.12 9.77 0.13
N SER B 115 -13.09 9.01 0.63
CA SER B 115 -14.48 9.41 0.42
C SER B 115 -14.71 10.52 1.44
N ILE B 116 -14.13 10.35 2.65
CA ILE B 116 -14.22 11.33 3.71
C ILE B 116 -13.53 12.61 3.22
N PHE B 117 -12.41 12.43 2.53
CA PHE B 117 -11.66 13.55 1.99
C PHE B 117 -12.57 14.38 1.05
N ASN B 118 -13.21 13.69 0.11
CA ASN B 118 -14.11 14.34 -0.85
C ASN B 118 -15.30 15.02 -0.19
N ARG B 119 -15.85 14.37 0.83
CA ARG B 119 -16.96 14.96 1.54
C ARG B 119 -16.56 16.24 2.26
N SER B 120 -15.30 16.34 2.69
CA SER B 120 -14.84 17.55 3.38
C SER B 120 -14.63 18.71 2.39
N ILE B 121 -14.01 18.41 1.26
CA ILE B 121 -13.76 19.42 0.25
C ILE B 121 -15.13 19.89 -0.27
N ASP B 122 -16.03 18.95 -0.48
CA ASP B 122 -17.37 19.26 -0.95
C ASP B 122 -17.98 20.23 0.05
N ALA B 123 -17.87 19.93 1.34
CA ALA B 123 -18.39 20.78 2.38
C ALA B 123 -17.89 22.22 2.26
N PHE B 124 -16.66 22.39 1.75
CA PHE B 124 -16.10 23.74 1.57
C PHE B 124 -16.93 24.50 0.57
N LYS B 125 -17.24 23.83 -0.53
CA LYS B 125 -18.01 24.40 -1.63
C LYS B 125 -19.39 24.88 -1.22
N ASP B 126 -19.71 24.76 0.07
CA ASP B 126 -21.03 25.18 0.55
C ASP B 126 -20.92 25.74 1.95
N PHE B 127 -19.74 26.22 2.31
CA PHE B 127 -19.50 26.76 3.62
C PHE B 127 -19.81 28.25 3.70
N MET B 128 -21.09 28.60 3.61
CA MET B 128 -21.48 30.00 3.68
C MET B 128 -22.72 30.21 4.54
N ASP B 135 -27.35 24.33 16.80
CA ASP B 135 -26.02 24.25 17.38
C ASP B 135 -25.38 22.87 17.16
N CYS B 136 -24.14 22.74 17.60
CA CYS B 136 -23.38 21.51 17.45
C CYS B 136 -23.49 20.59 18.65
N VAL B 137 -24.56 19.81 18.73
CA VAL B 137 -24.71 18.89 19.84
C VAL B 137 -25.06 17.50 19.35
N LEU B 138 -24.65 16.49 20.12
CA LEU B 138 -24.92 15.10 19.76
C LEU B 138 -25.86 14.43 20.76
N SER B 139 -25.34 14.08 21.94
CA SER B 139 -26.16 13.42 22.94
C SER B 139 -25.79 13.81 24.38
#